data_4P0A
#
_entry.id   4P0A
#
_cell.length_a   48.040
_cell.length_b   48.040
_cell.length_c   266.622
_cell.angle_alpha   90.000
_cell.angle_beta   90.000
_cell.angle_gamma   120.000
#
_symmetry.space_group_name_H-M   'P 61'
#
loop_
_entity.id
_entity.type
_entity.pdbx_description
1 polymer 'E3 ubiquitin-protein ligase RNF31'
2 polymer 'Transitional endoplasmic reticulum ATPase'
3 water water
#
loop_
_entity_poly.entity_id
_entity_poly.type
_entity_poly.pdbx_seq_one_letter_code
_entity_poly.pdbx_strand_id
1 'polypeptide(L)'
;GPLGSMPGEEEERAFLVAREELASALRRDSGQAFSLEQLRPLLASSLPLAARYLQLDAARLVRCNAHGEPRNYLNTLSTA
LNILEKYGRNLLSPQRPRYWRGVKFNNPVFRSTVDAVQGGRDVLRLYGYTEEQPDGLSFPEGQEEPDEHQVATVTLEVLL
LRTELSLLLQNTHPRQQALEQLLE
;
A,C
2 'polypeptide(L)' TEDNDDDLYG B,D
#
# COMPACT_ATOMS: atom_id res chain seq x y z
N GLU A 9 17.28 -5.48 -10.46
CA GLU A 9 15.85 -5.56 -10.79
C GLU A 9 15.24 -6.88 -10.31
N GLU A 10 16.00 -7.96 -10.49
CA GLU A 10 15.58 -9.28 -10.06
C GLU A 10 15.66 -9.40 -8.53
N GLU A 11 16.72 -8.85 -7.95
CA GLU A 11 16.87 -8.83 -6.50
C GLU A 11 15.80 -7.95 -5.87
N GLU A 12 15.51 -6.85 -6.53
CA GLU A 12 14.47 -5.94 -6.10
C GLU A 12 13.10 -6.63 -6.08
N ARG A 13 12.84 -7.45 -7.09
CA ARG A 13 11.56 -8.16 -7.16
C ARG A 13 11.42 -9.16 -6.02
N ALA A 14 12.49 -9.94 -5.80
CA ALA A 14 12.52 -10.92 -4.72
C ALA A 14 12.27 -10.25 -3.38
N PHE A 15 12.82 -9.05 -3.24
CA PHE A 15 12.61 -8.28 -2.03
C PHE A 15 11.13 -7.90 -1.87
N LEU A 16 10.55 -7.35 -2.93
CA LEU A 16 9.17 -6.94 -2.89
C LEU A 16 8.27 -8.15 -2.58
N VAL A 17 8.59 -9.31 -3.14
CA VAL A 17 7.79 -10.51 -2.87
C VAL A 17 7.84 -10.80 -1.37
N ALA A 18 9.06 -10.82 -0.81
CA ALA A 18 9.27 -11.05 0.61
C ALA A 18 8.52 -10.04 1.47
N ARG A 19 8.58 -8.78 1.08
CA ARG A 19 7.84 -7.73 1.74
C ARG A 19 6.32 -8.01 1.75
N GLU A 20 5.79 -8.45 0.61
CA GLU A 20 4.34 -8.74 0.50
C GLU A 20 3.91 -9.90 1.40
N GLU A 21 4.71 -10.96 1.44
CA GLU A 21 4.40 -12.10 2.29
C GLU A 21 4.25 -11.69 3.75
N LEU A 22 5.16 -10.82 4.21
CA LEU A 22 5.17 -10.40 5.60
C LEU A 22 4.01 -9.43 5.88
N ALA A 23 3.75 -8.52 4.96
CA ALA A 23 2.60 -7.63 5.08
C ALA A 23 1.26 -8.43 5.12
N SER A 24 1.16 -9.47 4.30
CA SER A 24 -0.06 -10.28 4.29
C SER A 24 -0.21 -10.98 5.61
N ALA A 25 0.91 -11.50 6.14
CA ALA A 25 0.90 -12.17 7.43
C ALA A 25 0.41 -11.23 8.53
N LEU A 26 0.78 -9.95 8.44
CA LEU A 26 0.28 -8.94 9.40
C LEU A 26 -1.24 -8.69 9.26
N ARG A 27 -1.77 -8.76 8.04
CA ARG A 27 -3.22 -8.57 7.81
C ARG A 27 -4.05 -9.72 8.42
N ARG A 28 -3.50 -10.94 8.40
CA ARG A 28 -4.19 -12.10 8.98
C ARG A 28 -4.13 -12.06 10.50
N ASP A 29 -2.93 -11.81 11.01
CA ASP A 29 -2.77 -11.67 12.45
C ASP A 29 -1.92 -10.43 12.77
N SER A 30 -2.57 -9.39 13.29
CA SER A 30 -1.94 -8.10 13.57
C SER A 30 -1.05 -8.20 14.79
N GLY A 31 -1.18 -9.31 15.52
CA GLY A 31 -0.39 -9.55 16.72
C GLY A 31 0.80 -10.47 16.46
N GLN A 32 0.93 -10.94 15.22
CA GLN A 32 2.03 -11.76 14.76
C GLN A 32 3.42 -11.11 15.01
N ALA A 33 4.34 -11.88 15.57
CA ALA A 33 5.67 -11.37 15.88
C ALA A 33 6.64 -11.99 14.89
N PHE A 34 7.59 -11.21 14.38
CA PHE A 34 8.52 -11.78 13.42
C PHE A 34 9.89 -11.96 14.02
N SER A 35 10.47 -13.14 13.79
CA SER A 35 11.79 -13.46 14.31
C SER A 35 12.84 -12.89 13.39
N LEU A 36 14.08 -12.80 13.87
CA LEU A 36 15.13 -12.26 13.03
C LEU A 36 15.34 -13.21 11.88
N GLU A 37 15.10 -14.49 12.13
CA GLU A 37 15.21 -15.50 11.10
C GLU A 37 14.16 -15.25 10.00
N GLN A 38 12.98 -14.79 10.38
CA GLN A 38 11.94 -14.44 9.40
C GLN A 38 12.30 -13.21 8.56
N LEU A 39 12.89 -12.21 9.22
CA LEU A 39 13.18 -10.95 8.59
C LEU A 39 14.50 -11.00 7.78
N ARG A 40 15.26 -12.09 7.91
CA ARG A 40 16.59 -12.19 7.26
C ARG A 40 16.68 -11.73 5.79
N PRO A 41 15.79 -12.22 4.90
CA PRO A 41 15.87 -11.81 3.48
C PRO A 41 15.61 -10.33 3.26
N LEU A 42 14.84 -9.71 4.16
CA LEU A 42 14.64 -8.27 4.09
C LEU A 42 15.84 -7.51 4.71
N LEU A 43 16.59 -8.15 5.61
CA LEU A 43 17.73 -7.50 6.27
C LEU A 43 19.01 -7.67 5.44
N ALA A 44 19.19 -8.83 4.82
CA ALA A 44 20.46 -9.15 4.17
C ALA A 44 20.63 -8.50 2.81
N SER A 45 19.57 -7.86 2.32
CA SER A 45 19.63 -7.27 0.99
C SER A 45 20.62 -6.10 0.91
N SER A 46 21.25 -5.97 -0.24
CA SER A 46 22.21 -4.91 -0.52
C SER A 46 21.57 -3.81 -1.36
N LEU A 47 20.25 -3.89 -1.52
CA LEU A 47 19.51 -2.85 -2.23
C LEU A 47 19.62 -1.53 -1.46
N PRO A 48 19.51 -0.39 -2.16
CA PRO A 48 19.53 0.91 -1.47
C PRO A 48 18.26 1.09 -0.64
N LEU A 49 18.23 2.07 0.25
CA LEU A 49 17.09 2.29 1.14
C LEU A 49 15.80 2.64 0.37
N ALA A 50 15.95 3.44 -0.68
CA ALA A 50 14.81 3.92 -1.45
C ALA A 50 14.06 2.79 -2.10
N ALA A 51 14.78 1.71 -2.40
CA ALA A 51 14.20 0.54 -3.07
C ALA A 51 13.71 -0.47 -2.05
N ARG A 52 14.02 -0.24 -0.78
CA ARG A 52 13.60 -1.19 0.26
C ARG A 52 12.49 -0.60 1.14
N TYR A 53 12.50 0.72 1.32
CA TYR A 53 11.46 1.38 2.09
C TYR A 53 10.62 2.22 1.12
N LEU A 54 9.43 1.72 0.78
CA LEU A 54 8.59 2.35 -0.23
C LEU A 54 7.65 3.40 0.36
N GLN A 55 7.29 3.22 1.63
CA GLN A 55 6.40 4.19 2.27
C GLN A 55 7.18 5.03 3.29
N LEU A 56 7.88 4.34 4.21
CA LEU A 56 8.71 5.03 5.21
C LEU A 56 9.85 5.80 4.58
N ASP A 57 10.04 7.04 4.99
CA ASP A 57 11.22 7.79 4.59
C ASP A 57 12.36 7.48 5.60
N ALA A 58 12.94 6.29 5.43
CA ALA A 58 13.87 5.76 6.43
C ALA A 58 15.14 6.61 6.57
N ALA A 59 15.73 7.00 5.44
CA ALA A 59 16.97 7.79 5.47
C ALA A 59 16.76 9.13 6.17
N ARG A 60 15.68 9.83 5.84
CA ARG A 60 15.39 11.08 6.54
C ARG A 60 15.11 10.81 8.02
N LEU A 61 14.43 9.69 8.33
CA LEU A 61 14.14 9.38 9.74
C LEU A 61 15.43 9.22 10.54
N VAL A 62 16.41 8.55 9.93
CA VAL A 62 17.69 8.31 10.57
C VAL A 62 18.53 9.58 10.50
N ARG A 63 18.82 10.03 9.29
CA ARG A 63 19.75 11.14 9.11
C ARG A 63 19.28 12.42 9.84
N CYS A 64 17.98 12.74 9.84
CA CYS A 64 17.54 14.01 10.42
C CYS A 64 17.45 13.93 11.93
N ASN A 65 17.66 12.73 12.47
CA ASN A 65 17.66 12.56 13.92
C ASN A 65 18.98 12.07 14.48
N ALA A 66 20.02 12.09 13.65
CA ALA A 66 21.33 11.64 14.08
C ALA A 66 22.03 12.84 14.69
N HIS A 67 21.67 13.15 15.92
CA HIS A 67 22.27 14.28 16.64
C HIS A 67 22.83 13.79 17.97
N GLY A 68 24.16 13.77 18.09
CA GLY A 68 24.83 13.21 19.27
C GLY A 68 25.41 11.81 19.05
N GLU A 69 25.47 11.00 20.10
CA GLU A 69 26.01 9.64 20.00
C GLU A 69 24.97 8.65 19.51
N PRO A 70 25.34 7.83 18.50
CA PRO A 70 24.42 6.85 17.91
C PRO A 70 23.75 6.02 18.99
N ARG A 71 24.54 5.63 19.99
CA ARG A 71 24.00 4.86 21.10
C ARG A 71 22.85 5.60 21.79
N ASN A 72 22.68 6.89 21.49
CA ASN A 72 21.53 7.59 22.05
C ASN A 72 20.49 7.85 20.99
N TYR A 73 20.90 8.36 19.83
CA TYR A 73 19.88 8.71 18.87
C TYR A 73 19.24 7.46 18.25
N LEU A 74 20.01 6.37 18.10
CA LEU A 74 19.44 5.13 17.57
C LEU A 74 18.45 4.55 18.58
N ASN A 75 18.67 4.84 19.86
CA ASN A 75 17.78 4.30 20.87
C ASN A 75 16.48 5.11 20.89
N THR A 76 16.61 6.41 20.73
CA THR A 76 15.47 7.31 20.68
C THR A 76 14.58 6.98 19.49
N LEU A 77 15.23 6.72 18.35
CA LEU A 77 14.58 6.33 17.12
C LEU A 77 13.84 5.02 17.32
N SER A 78 14.48 4.06 18.00
CA SER A 78 13.84 2.76 18.21
C SER A 78 12.57 2.94 19.00
N THR A 79 12.63 3.82 19.98
CA THR A 79 11.50 4.04 20.87
C THR A 79 10.32 4.64 20.12
N ALA A 80 10.62 5.59 19.22
CA ALA A 80 9.56 6.16 18.40
C ALA A 80 8.99 5.07 17.46
N LEU A 81 9.88 4.22 16.96
CA LEU A 81 9.51 3.19 15.99
C LEU A 81 8.62 2.12 16.61
N ASN A 82 8.95 1.72 17.84
CA ASN A 82 8.15 0.73 18.54
C ASN A 82 6.69 1.16 18.79
N ILE A 83 6.52 2.44 19.11
CA ILE A 83 5.19 2.99 19.33
C ILE A 83 4.47 3.13 17.98
N LEU A 84 5.18 3.62 16.95
CA LEU A 84 4.61 3.71 15.61
C LEU A 84 4.15 2.34 15.13
N GLU A 85 4.91 1.30 15.49
CA GLU A 85 4.49 -0.07 15.15
C GLU A 85 3.15 -0.41 15.81
N LYS A 86 3.01 -0.06 17.09
CA LYS A 86 1.76 -0.34 17.79
C LYS A 86 0.57 0.41 17.17
N TYR A 87 0.80 1.64 16.69
CA TYR A 87 -0.29 2.37 16.05
C TYR A 87 -0.77 1.63 14.78
N GLY A 88 0.19 1.10 14.01
CA GLY A 88 -0.12 0.38 12.79
C GLY A 88 -0.87 -0.92 13.09
N ARG A 89 -0.33 -1.71 14.02
CA ARG A 89 -0.96 -2.99 14.37
C ARG A 89 -2.39 -2.82 14.87
N ASN A 90 -2.60 -1.77 15.68
CA ASN A 90 -3.94 -1.48 16.22
C ASN A 90 -4.97 -1.25 15.09
N LEU A 91 -4.52 -0.65 13.97
CA LEU A 91 -5.39 -0.38 12.83
C LEU A 91 -5.71 -1.67 12.09
N LEU A 92 -4.91 -2.72 12.33
CA LEU A 92 -5.14 -4.02 11.69
C LEU A 92 -5.93 -4.96 12.57
N SER A 93 -6.14 -4.56 13.82
CA SER A 93 -6.84 -5.44 14.75
C SER A 93 -8.22 -5.76 14.23
N PRO A 94 -8.61 -7.03 14.33
CA PRO A 94 -9.95 -7.44 13.88
C PRO A 94 -10.99 -6.56 14.60
N GLN A 95 -10.73 -6.22 15.85
CA GLN A 95 -11.48 -5.18 16.54
C GLN A 95 -10.59 -3.93 16.70
N ARG A 96 -10.87 -2.86 15.94
CA ARG A 96 -10.10 -1.61 16.06
C ARG A 96 -10.41 -0.93 17.41
N PRO A 97 -9.42 -0.20 17.97
CA PRO A 97 -9.64 0.56 19.21
C PRO A 97 -10.71 1.64 19.01
N ARG A 98 -11.53 1.90 20.02
CA ARG A 98 -12.36 3.08 19.96
C ARG A 98 -11.39 4.25 19.83
N TYR A 99 -11.78 5.28 19.08
CA TYR A 99 -10.95 6.48 18.88
C TYR A 99 -9.69 6.20 18.10
N TRP A 100 -9.74 5.24 17.18
CA TRP A 100 -8.58 4.96 16.33
C TRP A 100 -8.46 6.07 15.30
N ARG A 101 -9.57 6.77 15.11
CA ARG A 101 -9.65 7.77 14.05
C ARG A 101 -8.75 9.00 14.26
N GLY A 102 -8.25 9.20 15.50
CA GLY A 102 -7.41 10.36 15.80
C GLY A 102 -6.30 10.15 16.85
N VAL A 103 -5.20 10.86 16.67
CA VAL A 103 -4.13 10.84 17.65
C VAL A 103 -3.83 12.27 18.07
N LYS A 104 -3.78 12.50 19.37
CA LYS A 104 -3.48 13.83 19.91
C LYS A 104 -1.97 14.02 20.08
N PHE A 105 -1.46 15.17 19.63
CA PHE A 105 -0.04 15.50 19.79
C PHE A 105 0.34 15.51 21.28
N ASN A 106 -0.62 15.90 22.13
CA ASN A 106 -0.41 15.95 23.58
C ASN A 106 -0.76 14.67 24.33
N ASN A 107 -0.77 13.53 23.62
CA ASN A 107 -0.86 12.24 24.28
C ASN A 107 0.49 11.98 24.94
N PRO A 108 0.48 11.61 26.22
CA PRO A 108 1.69 11.45 27.04
C PRO A 108 2.67 10.49 26.37
N VAL A 109 2.15 9.35 25.91
CA VAL A 109 2.98 8.35 25.26
C VAL A 109 3.43 8.83 23.87
N PHE A 110 2.55 9.53 23.16
CA PHE A 110 2.92 10.03 21.82
C PHE A 110 4.00 11.11 21.90
N ARG A 111 3.84 12.04 22.86
CA ARG A 111 4.74 13.15 23.02
C ARG A 111 6.14 12.68 23.43
N SER A 112 6.19 11.74 24.36
CA SER A 112 7.47 11.28 24.88
C SER A 112 8.22 10.30 23.96
N THR A 113 7.50 9.71 23.01
CA THR A 113 8.12 8.70 22.14
C THR A 113 8.14 9.18 20.70
N VAL A 114 6.98 9.25 20.08
CA VAL A 114 6.93 9.56 18.65
C VAL A 114 7.33 11.02 18.37
N ASP A 115 6.83 11.96 19.15
CA ASP A 115 7.16 13.35 18.90
C ASP A 115 8.58 13.73 19.32
N ALA A 116 9.34 12.76 19.83
CA ALA A 116 10.73 13.01 20.20
C ALA A 116 11.66 13.00 18.97
N VAL A 117 11.16 12.51 17.84
CA VAL A 117 11.98 12.44 16.63
C VAL A 117 11.37 13.22 15.45
N GLN A 118 12.25 13.67 14.57
CA GLN A 118 11.86 14.42 13.39
C GLN A 118 11.25 13.48 12.36
N GLY A 119 9.98 13.74 12.00
CA GLY A 119 9.28 12.94 11.01
C GLY A 119 8.43 11.86 11.64
N GLY A 120 8.33 11.86 12.98
CA GLY A 120 7.57 10.86 13.69
C GLY A 120 6.13 10.97 13.24
N ARG A 121 5.66 12.22 13.17
CA ARG A 121 4.29 12.51 12.77
C ARG A 121 3.96 12.11 11.35
N ASP A 122 4.92 12.25 10.46
CA ASP A 122 4.71 11.96 9.06
C ASP A 122 4.40 10.49 8.91
N VAL A 123 4.93 9.68 9.82
CA VAL A 123 4.64 8.26 9.75
C VAL A 123 3.15 7.98 10.05
N LEU A 124 2.53 8.71 10.96
CA LEU A 124 1.08 8.55 11.19
C LEU A 124 0.30 8.92 9.94
N ARG A 125 0.83 9.83 9.10
CA ARG A 125 0.12 10.21 7.88
C ARG A 125 0.10 9.05 6.89
N LEU A 126 1.14 8.23 6.94
CA LEU A 126 1.27 7.07 6.07
C LEU A 126 0.18 6.07 6.41
N TYR A 127 -0.20 6.05 7.68
CA TYR A 127 -1.26 5.16 8.16
C TYR A 127 -2.64 5.59 7.73
N GLY A 128 -2.79 6.87 7.45
CA GLY A 128 -4.06 7.41 7.01
C GLY A 128 -4.42 8.63 7.83
N TYR A 129 -3.61 8.92 8.85
CA TYR A 129 -3.88 10.12 9.66
C TYR A 129 -3.47 11.39 8.94
N THR A 130 -4.21 11.71 7.88
CA THR A 130 -3.86 12.80 6.96
C THR A 130 -4.41 14.16 7.37
N GLU A 131 -5.54 14.18 8.07
CA GLU A 131 -6.19 15.42 8.53
C GLU A 131 -5.49 16.06 9.72
N GLU A 132 -5.18 17.35 9.62
CA GLU A 132 -4.42 18.04 10.67
C GLU A 132 -5.27 19.05 11.46
N GLN A 133 -5.48 18.76 12.74
CA GLN A 133 -6.03 19.73 13.67
C GLN A 133 -4.90 20.11 14.61
N PRO A 134 -4.83 21.39 14.99
CA PRO A 134 -3.81 21.90 15.92
C PRO A 134 -3.65 21.05 17.19
N ASP A 135 -4.68 20.23 17.50
CA ASP A 135 -4.63 19.24 18.58
C ASP A 135 -3.93 17.92 18.17
N GLY A 136 -3.93 17.59 16.88
CA GLY A 136 -3.39 16.33 16.43
C GLY A 136 -3.72 15.96 14.99
N LEU A 137 -3.74 14.66 14.69
CA LEU A 137 -4.00 14.16 13.35
C LEU A 137 -5.17 13.17 13.31
N SER A 138 -5.97 13.20 12.25
CA SER A 138 -7.19 12.41 12.13
C SER A 138 -7.35 11.78 10.75
N PHE A 139 -8.15 10.72 10.65
CA PHE A 139 -8.58 10.26 9.33
C PHE A 139 -9.60 11.26 8.76
N PRO A 140 -9.67 11.36 7.43
CA PRO A 140 -10.72 12.17 6.79
C PRO A 140 -12.10 11.56 7.08
N GLU A 141 -13.18 12.34 7.14
CA GLU A 141 -14.49 11.75 7.42
C GLU A 141 -14.92 10.79 6.30
N GLY A 142 -14.39 11.01 5.11
CA GLY A 142 -14.69 10.19 3.96
C GLY A 142 -14.08 8.80 4.03
N GLN A 143 -13.02 8.62 4.82
CA GLN A 143 -12.47 7.28 5.05
C GLN A 143 -13.16 6.64 6.25
N GLU A 144 -13.87 5.54 6.01
CA GLU A 144 -14.65 4.88 7.04
C GLU A 144 -13.80 3.81 7.74
N GLU A 145 -12.91 3.18 6.98
CA GLU A 145 -11.99 2.22 7.58
C GLU A 145 -10.60 2.45 6.98
N PRO A 146 -9.57 2.03 7.74
CA PRO A 146 -8.20 2.18 7.23
C PRO A 146 -7.94 1.27 6.00
N ASP A 147 -7.13 1.74 5.06
CA ASP A 147 -6.66 0.89 3.97
C ASP A 147 -5.70 -0.11 4.59
N GLU A 148 -6.16 -1.35 4.74
CA GLU A 148 -5.38 -2.38 5.42
C GLU A 148 -4.06 -2.70 4.73
N HIS A 149 -4.03 -2.63 3.40
CA HIS A 149 -2.76 -2.95 2.74
C HIS A 149 -1.75 -1.85 3.01
N GLN A 150 -2.19 -0.59 2.89
CA GLN A 150 -1.30 0.52 3.15
C GLN A 150 -0.83 0.41 4.59
N VAL A 151 -1.75 0.17 5.51
CA VAL A 151 -1.34 0.07 6.90
C VAL A 151 -0.34 -1.03 7.18
N ALA A 152 -0.62 -2.24 6.66
CA ALA A 152 0.26 -3.38 6.94
C ALA A 152 1.69 -3.12 6.39
N THR A 153 1.75 -2.48 5.25
CA THR A 153 3.02 -2.30 4.58
C THR A 153 3.85 -1.23 5.32
N VAL A 154 3.17 -0.22 5.87
CA VAL A 154 3.85 0.78 6.68
C VAL A 154 4.32 0.19 8.02
N THR A 155 3.45 -0.59 8.65
CA THR A 155 3.76 -1.26 9.90
C THR A 155 4.97 -2.18 9.75
N LEU A 156 5.00 -2.94 8.67
CA LEU A 156 6.11 -3.84 8.41
C LEU A 156 7.41 -3.05 8.25
N GLU A 157 7.38 -1.99 7.43
CA GLU A 157 8.52 -1.12 7.23
C GLU A 157 8.99 -0.44 8.54
N VAL A 158 8.02 -0.12 9.40
CA VAL A 158 8.34 0.46 10.69
C VAL A 158 9.04 -0.58 11.52
N LEU A 159 8.51 -1.81 11.54
CA LEU A 159 9.12 -2.88 12.29
C LEU A 159 10.51 -3.26 11.75
N LEU A 160 10.65 -3.25 10.43
CA LEU A 160 11.91 -3.57 9.76
C LEU A 160 13.04 -2.57 10.08
N LEU A 161 12.67 -1.30 10.02
CA LEU A 161 13.63 -0.26 10.34
C LEU A 161 14.02 -0.39 11.81
N ARG A 162 13.07 -0.65 12.70
CA ARG A 162 13.43 -0.81 14.09
C ARG A 162 14.34 -2.01 14.26
N THR A 163 14.07 -3.06 13.50
CA THR A 163 14.93 -4.23 13.60
C THR A 163 16.35 -3.91 13.10
N GLU A 164 16.43 -3.17 12.00
CA GLU A 164 17.74 -2.77 11.47
C GLU A 164 18.58 -1.92 12.46
N LEU A 165 17.92 -0.96 13.13
CA LEU A 165 18.61 -0.08 14.07
C LEU A 165 19.09 -0.88 15.26
N SER A 166 18.29 -1.86 15.67
CA SER A 166 18.63 -2.67 16.82
C SER A 166 19.91 -3.50 16.62
N LEU A 167 20.15 -3.94 15.38
CA LEU A 167 21.35 -4.70 15.05
C LEU A 167 22.53 -3.76 14.93
N LEU A 168 22.27 -2.52 14.52
CA LEU A 168 23.33 -1.51 14.42
C LEU A 168 23.81 -1.20 15.82
N LEU A 169 22.86 -1.07 16.75
CA LEU A 169 23.20 -0.87 18.15
C LEU A 169 24.07 -2.01 18.71
N GLN A 170 23.81 -3.23 18.23
CA GLN A 170 24.55 -4.40 18.71
C GLN A 170 25.77 -4.70 17.83
N ASN A 171 25.95 -3.91 16.79
CA ASN A 171 26.97 -4.12 15.76
C ASN A 171 26.89 -5.46 15.01
N THR A 172 25.68 -5.99 14.83
CA THR A 172 25.53 -7.30 14.19
C THR A 172 24.81 -7.26 12.85
N HIS A 173 24.51 -6.05 12.39
CA HIS A 173 23.82 -5.87 11.11
C HIS A 173 24.72 -6.42 9.97
N PRO A 174 24.12 -7.21 9.05
CA PRO A 174 24.90 -7.79 7.93
C PRO A 174 25.63 -6.73 7.10
N ARG A 175 25.01 -5.57 6.92
CA ARG A 175 25.60 -4.45 6.17
C ARG A 175 25.94 -3.26 7.10
N GLN A 176 26.50 -3.56 8.28
CA GLN A 176 26.77 -2.55 9.32
C GLN A 176 27.65 -1.36 8.94
N GLN A 177 28.77 -1.62 8.26
CA GLN A 177 29.71 -0.56 7.87
C GLN A 177 29.12 0.24 6.71
N ALA A 178 28.42 -0.46 5.82
CA ALA A 178 27.80 0.16 4.67
C ALA A 178 26.60 1.06 5.08
N LEU A 179 26.02 0.82 6.26
CA LEU A 179 24.90 1.62 6.79
C LEU A 179 25.35 2.85 7.63
N GLU A 180 26.57 2.79 8.15
CA GLU A 180 27.15 3.96 8.81
C GLU A 180 27.54 5.00 7.75
N GLN A 181 27.28 4.69 6.49
CA GLN A 181 27.40 5.65 5.40
C GLN A 181 26.50 6.86 5.68
N LEU A 182 25.25 6.58 6.06
CA LEU A 182 24.30 7.63 6.47
C LEU A 182 23.99 8.59 5.32
N ASP B 7 -2.00 4.48 27.43
CA ASP B 7 -2.86 4.37 26.26
C ASP B 7 -2.45 5.35 25.16
N LEU B 8 -2.65 4.96 23.89
CA LEU B 8 -2.11 5.69 22.75
C LEU B 8 -3.07 6.73 22.08
N TYR B 9 -4.34 6.74 22.48
CA TYR B 9 -5.30 7.59 21.80
C TYR B 9 -5.93 8.69 22.67
N GLY B 10 -5.45 8.84 23.90
CA GLY B 10 -6.02 9.83 24.82
C GLY B 10 -5.94 11.29 24.40
N GLY C 8 -1.64 -21.69 0.88
CA GLY C 8 -0.31 -22.14 1.26
C GLY C 8 0.80 -21.18 0.84
N GLU C 9 1.95 -21.31 1.52
CA GLU C 9 3.12 -20.47 1.23
C GLU C 9 3.66 -20.61 -0.20
N GLU C 10 3.62 -21.82 -0.76
CA GLU C 10 4.07 -22.02 -2.14
C GLU C 10 3.05 -21.48 -3.14
N GLU C 11 1.77 -21.68 -2.87
CA GLU C 11 0.73 -21.13 -3.73
C GLU C 11 0.76 -19.61 -3.61
N GLU C 12 0.95 -19.11 -2.40
CA GLU C 12 1.03 -17.66 -2.21
C GLU C 12 2.27 -17.04 -2.85
N ARG C 13 3.43 -17.67 -2.69
CA ARG C 13 4.67 -17.14 -3.27
C ARG C 13 4.65 -17.17 -4.81
N ALA C 14 4.21 -18.27 -5.40
CA ALA C 14 4.13 -18.34 -6.86
C ALA C 14 3.25 -17.24 -7.41
N PHE C 15 2.15 -16.98 -6.72
CA PHE C 15 1.25 -15.89 -7.11
C PHE C 15 1.96 -14.55 -6.97
N LEU C 16 2.55 -14.32 -5.81
CA LEU C 16 3.22 -13.05 -5.55
C LEU C 16 4.37 -12.78 -6.52
N VAL C 17 5.13 -13.82 -6.90
CA VAL C 17 6.25 -13.68 -7.85
C VAL C 17 5.78 -13.17 -9.23
N ALA C 18 4.78 -13.84 -9.79
CA ALA C 18 4.19 -13.41 -11.06
C ALA C 18 3.64 -11.99 -10.93
N ARG C 19 3.01 -11.69 -9.80
CA ARG C 19 2.47 -10.35 -9.59
C ARG C 19 3.60 -9.32 -9.74
N GLU C 20 4.72 -9.58 -9.07
CA GLU C 20 5.82 -8.61 -9.13
C GLU C 20 6.39 -8.43 -10.54
N GLU C 21 6.51 -9.52 -11.27
CA GLU C 21 7.04 -9.45 -12.63
C GLU C 21 6.15 -8.52 -13.43
N LEU C 22 4.84 -8.65 -13.24
CA LEU C 22 3.88 -7.90 -14.07
C LEU C 22 3.83 -6.45 -13.65
N ALA C 23 3.87 -6.20 -12.34
CA ALA C 23 3.89 -4.84 -11.81
C ALA C 23 5.12 -4.08 -12.30
N SER C 24 6.26 -4.77 -12.32
CA SER C 24 7.53 -4.17 -12.71
C SER C 24 7.50 -3.74 -14.15
N ALA C 25 6.99 -4.63 -15.01
CA ALA C 25 6.88 -4.33 -16.42
C ALA C 25 6.00 -3.11 -16.65
N LEU C 26 4.98 -2.94 -15.80
CA LEU C 26 4.11 -1.78 -15.88
C LEU C 26 4.88 -0.52 -15.49
N ARG C 27 5.78 -0.66 -14.51
CA ARG C 27 6.62 0.45 -14.07
C ARG C 27 7.63 0.86 -15.13
N ARG C 28 8.08 -0.10 -15.95
CA ARG C 28 8.97 0.16 -17.10
C ARG C 28 8.22 0.75 -18.29
N ASP C 29 7.09 0.11 -18.64
CA ASP C 29 6.24 0.51 -19.74
C ASP C 29 4.77 0.51 -19.31
N SER C 30 4.23 1.72 -19.16
CA SER C 30 2.87 1.92 -18.68
C SER C 30 1.80 1.58 -19.72
N GLY C 31 2.22 1.35 -20.97
CA GLY C 31 1.29 0.98 -22.02
C GLY C 31 1.28 -0.50 -22.32
N GLN C 32 2.15 -1.24 -21.64
CA GLN C 32 2.29 -2.69 -21.76
C GLN C 32 0.95 -3.43 -21.58
N ALA C 33 0.69 -4.36 -22.49
CA ALA C 33 -0.51 -5.18 -22.46
C ALA C 33 -0.11 -6.62 -22.18
N PHE C 34 -0.88 -7.30 -21.34
CA PHE C 34 -0.53 -8.66 -20.97
C PHE C 34 -1.46 -9.70 -21.66
N SER C 35 -0.85 -10.81 -22.10
CA SER C 35 -1.56 -11.93 -22.71
C SER C 35 -2.18 -12.83 -21.62
N LEU C 36 -3.06 -13.75 -22.01
CA LEU C 36 -3.70 -14.63 -21.03
C LEU C 36 -2.71 -15.66 -20.46
N GLU C 37 -1.69 -16.03 -21.24
CA GLU C 37 -0.61 -16.93 -20.79
C GLU C 37 0.28 -16.23 -19.77
N GLN C 38 0.45 -14.92 -19.92
CA GLN C 38 1.16 -14.15 -18.91
C GLN C 38 0.35 -14.08 -17.61
N LEU C 39 -0.96 -13.89 -17.71
CA LEU C 39 -1.79 -13.70 -16.54
C LEU C 39 -2.22 -15.02 -15.86
N ARG C 40 -2.03 -16.15 -16.54
CA ARG C 40 -2.47 -17.47 -16.06
C ARG C 40 -2.16 -17.80 -14.60
N PRO C 41 -0.92 -17.53 -14.14
CA PRO C 41 -0.61 -17.83 -12.73
C PRO C 41 -1.44 -17.04 -11.72
N LEU C 42 -1.91 -15.86 -12.14
CA LEU C 42 -2.78 -15.05 -11.30
C LEU C 42 -4.24 -15.49 -11.39
N LEU C 43 -4.62 -16.09 -12.52
CA LEU C 43 -6.00 -16.51 -12.82
C LEU C 43 -6.33 -17.92 -12.36
N ALA C 44 -5.36 -18.83 -12.56
CA ALA C 44 -5.51 -20.25 -12.30
C ALA C 44 -5.26 -20.59 -10.85
N SER C 45 -4.87 -19.58 -10.08
CA SER C 45 -4.54 -19.78 -8.68
C SER C 45 -5.76 -20.27 -7.92
N SER C 46 -5.54 -21.00 -6.82
CA SER C 46 -6.63 -21.50 -6.01
C SER C 46 -6.85 -20.65 -4.77
N LEU C 47 -6.11 -19.55 -4.68
CA LEU C 47 -6.32 -18.56 -3.63
C LEU C 47 -7.72 -17.92 -3.77
N PRO C 48 -8.33 -17.52 -2.65
CA PRO C 48 -9.61 -16.79 -2.66
C PRO C 48 -9.45 -15.35 -3.17
N LEU C 49 -10.54 -14.64 -3.45
CA LEU C 49 -10.44 -13.26 -3.94
C LEU C 49 -9.78 -12.37 -2.92
N ALA C 50 -10.08 -12.62 -1.64
CA ALA C 50 -9.49 -11.80 -0.60
C ALA C 50 -7.96 -11.99 -0.57
N ALA C 51 -7.50 -13.15 -1.02
CA ALA C 51 -6.08 -13.43 -0.99
C ALA C 51 -5.43 -13.11 -2.34
N ARG C 52 -6.25 -12.84 -3.36
CA ARG C 52 -5.73 -12.57 -4.71
C ARG C 52 -5.77 -11.08 -5.08
N TYR C 53 -6.66 -10.33 -4.45
CA TYR C 53 -6.69 -8.88 -4.62
C TYR C 53 -6.23 -8.21 -3.31
N LEU C 54 -5.01 -7.68 -3.32
CA LEU C 54 -4.43 -7.18 -2.08
C LEU C 54 -4.90 -5.77 -1.73
N GLN C 55 -5.19 -4.98 -2.76
CA GLN C 55 -5.63 -3.59 -2.58
C GLN C 55 -7.05 -3.32 -3.05
N LEU C 56 -7.36 -3.75 -4.27
CA LEU C 56 -8.73 -3.63 -4.79
C LEU C 56 -9.71 -4.44 -3.93
N ASP C 57 -10.85 -3.83 -3.59
CA ASP C 57 -11.94 -4.60 -2.97
C ASP C 57 -12.70 -5.29 -4.09
N ALA C 58 -12.15 -6.38 -4.58
CA ALA C 58 -12.74 -7.03 -5.76
C ALA C 58 -14.15 -7.57 -5.49
N ALA C 59 -14.29 -8.26 -4.36
CA ALA C 59 -15.53 -8.93 -4.00
C ALA C 59 -16.71 -7.97 -3.96
N ARG C 60 -16.54 -6.85 -3.26
CA ARG C 60 -17.62 -5.86 -3.19
C ARG C 60 -17.85 -5.18 -4.51
N LEU C 61 -16.77 -4.88 -5.23
CA LEU C 61 -16.89 -4.26 -6.55
C LEU C 61 -17.75 -5.16 -7.43
N VAL C 62 -17.55 -6.46 -7.28
CA VAL C 62 -18.33 -7.41 -8.03
C VAL C 62 -19.70 -7.53 -7.38
N ARG C 63 -19.74 -8.04 -6.16
CA ARG C 63 -21.00 -8.39 -5.51
C ARG C 63 -21.93 -7.18 -5.28
N CYS C 64 -21.39 -6.01 -4.97
CA CYS C 64 -22.24 -4.85 -4.64
C CYS C 64 -22.79 -4.06 -5.84
N ASN C 65 -22.40 -4.49 -7.03
CA ASN C 65 -22.86 -3.91 -8.29
C ASN C 65 -23.60 -4.91 -9.17
N ALA C 66 -24.09 -5.99 -8.55
CA ALA C 66 -24.80 -7.03 -9.26
C ALA C 66 -26.28 -6.65 -9.44
N PRO C 70 -25.84 -11.04 -14.78
CA PRO C 70 -24.41 -10.90 -15.10
C PRO C 70 -24.17 -10.27 -16.48
N ARG C 71 -24.90 -10.71 -17.50
CA ARG C 71 -24.71 -10.22 -18.87
C ARG C 71 -24.84 -8.70 -18.98
N ASN C 72 -25.37 -8.08 -17.93
CA ASN C 72 -25.44 -6.62 -17.82
C ASN C 72 -24.61 -6.06 -16.65
N TYR C 73 -24.63 -6.75 -15.51
CA TYR C 73 -23.90 -6.28 -14.33
C TYR C 73 -22.37 -6.43 -14.47
N LEU C 74 -21.95 -7.52 -15.12
CA LEU C 74 -20.53 -7.77 -15.39
C LEU C 74 -20.01 -6.85 -16.50
N ASN C 75 -20.90 -6.42 -17.41
CA ASN C 75 -20.50 -5.54 -18.51
C ASN C 75 -20.38 -4.06 -18.06
N THR C 76 -21.26 -3.64 -17.14
CA THR C 76 -21.19 -2.29 -16.59
C THR C 76 -19.91 -2.08 -15.75
N LEU C 77 -19.60 -3.07 -14.91
CA LEU C 77 -18.38 -3.03 -14.12
C LEU C 77 -17.17 -2.95 -15.01
N SER C 78 -17.17 -3.75 -16.08
CA SER C 78 -16.03 -3.80 -16.99
C SER C 78 -15.77 -2.44 -17.60
N THR C 79 -16.85 -1.71 -17.87
CA THR C 79 -16.75 -0.35 -18.41
C THR C 79 -16.09 0.59 -17.41
N ALA C 80 -16.50 0.45 -16.14
CA ALA C 80 -15.89 1.23 -15.08
C ALA C 80 -14.42 0.85 -14.92
N LEU C 81 -14.12 -0.45 -15.05
CA LEU C 81 -12.76 -0.96 -14.83
C LEU C 81 -11.81 -0.49 -15.90
N ASN C 82 -12.29 -0.49 -17.13
CA ASN C 82 -11.46 -0.12 -18.27
C ASN C 82 -11.00 1.34 -18.16
N ILE C 83 -11.88 2.19 -17.63
CA ILE C 83 -11.59 3.59 -17.36
C ILE C 83 -10.72 3.77 -16.11
N LEU C 84 -11.01 2.99 -15.08
CA LEU C 84 -10.19 2.98 -13.88
C LEU C 84 -8.77 2.64 -14.22
N GLU C 85 -8.61 1.68 -15.14
CA GLU C 85 -7.31 1.24 -15.58
C GLU C 85 -6.57 2.39 -16.24
N LYS C 86 -7.28 3.15 -17.08
CA LYS C 86 -6.67 4.29 -17.74
C LYS C 86 -6.19 5.35 -16.75
N TYR C 87 -6.97 5.59 -15.70
CA TYR C 87 -6.56 6.53 -14.66
C TYR C 87 -5.23 6.07 -14.04
N GLY C 88 -5.08 4.76 -13.86
CA GLY C 88 -3.87 4.16 -13.31
C GLY C 88 -2.71 4.27 -14.25
N ARG C 89 -2.91 3.87 -15.51
CA ARG C 89 -1.81 3.96 -16.49
C ARG C 89 -1.37 5.41 -16.70
N ASN C 90 -2.33 6.34 -16.69
CA ASN C 90 -2.04 7.77 -16.91
C ASN C 90 -1.08 8.31 -15.83
N LEU C 91 -1.20 7.76 -14.62
CA LEU C 91 -0.35 8.13 -13.49
C LEU C 91 1.04 7.48 -13.60
N LEU C 92 1.16 6.46 -14.43
CA LEU C 92 2.44 5.78 -14.64
C LEU C 92 3.13 6.35 -15.89
N SER C 93 2.38 7.16 -16.64
CA SER C 93 2.83 7.79 -17.88
C SER C 93 4.02 8.75 -17.72
N PRO C 94 5.00 8.65 -18.64
CA PRO C 94 6.14 9.58 -18.75
C PRO C 94 5.65 11.02 -18.99
N GLN C 95 4.59 11.15 -19.80
CA GLN C 95 3.87 12.41 -19.93
C GLN C 95 2.45 12.29 -19.39
N ARG C 96 2.25 12.72 -18.15
CA ARG C 96 0.92 12.74 -17.52
C ARG C 96 0.07 13.80 -18.19
N PRO C 97 -1.26 13.55 -18.27
CA PRO C 97 -2.16 14.57 -18.81
C PRO C 97 -2.07 15.80 -17.92
N ARG C 98 -2.15 17.00 -18.48
CA ARG C 98 -2.21 18.19 -17.66
C ARG C 98 -3.44 18.05 -16.77
N TYR C 99 -3.33 18.47 -15.51
CA TYR C 99 -4.42 18.40 -14.54
C TYR C 99 -4.76 16.96 -14.13
N TRP C 100 -3.73 16.13 -13.99
CA TRP C 100 -3.90 14.75 -13.54
C TRP C 100 -4.16 14.67 -12.03
N ARG C 101 -3.84 15.76 -11.33
CA ARG C 101 -3.87 15.80 -9.86
C ARG C 101 -5.26 15.71 -9.21
N GLY C 102 -6.31 15.89 -10.00
CA GLY C 102 -7.65 15.90 -9.45
C GLY C 102 -8.74 15.42 -10.38
N VAL C 103 -9.79 14.84 -9.79
CA VAL C 103 -11.00 14.50 -10.54
C VAL C 103 -12.21 15.20 -9.91
N LYS C 104 -13.00 15.88 -10.71
CA LYS C 104 -14.20 16.53 -10.17
C LYS C 104 -15.30 15.49 -10.24
N PHE C 105 -16.08 15.38 -9.17
CA PHE C 105 -17.19 14.41 -9.12
C PHE C 105 -18.15 14.62 -10.28
N ASN C 106 -18.26 15.87 -10.74
CA ASN C 106 -19.16 16.21 -11.84
C ASN C 106 -18.54 16.03 -13.23
N ASN C 107 -17.50 15.20 -13.34
CA ASN C 107 -16.95 14.82 -14.64
C ASN C 107 -17.87 13.86 -15.37
N PRO C 108 -18.20 14.17 -16.64
CA PRO C 108 -19.13 13.39 -17.48
C PRO C 108 -18.67 11.94 -17.58
N VAL C 109 -17.39 11.75 -17.87
CA VAL C 109 -16.80 10.42 -18.05
C VAL C 109 -16.63 9.69 -16.70
N PHE C 110 -16.30 10.42 -15.64
CA PHE C 110 -16.22 9.82 -14.30
C PHE C 110 -17.62 9.47 -13.79
N ARG C 111 -18.58 10.35 -14.03
CA ARG C 111 -19.97 10.14 -13.60
C ARG C 111 -20.64 8.99 -14.37
N SER C 112 -20.40 8.91 -15.68
CA SER C 112 -21.06 7.89 -16.50
C SER C 112 -20.38 6.51 -16.41
N THR C 113 -19.17 6.47 -15.87
CA THR C 113 -18.41 5.22 -15.78
C THR C 113 -18.13 4.81 -14.32
N VAL C 114 -17.24 5.56 -13.66
CA VAL C 114 -16.71 5.21 -12.34
C VAL C 114 -17.68 5.32 -11.14
N ASP C 115 -18.37 6.45 -11.00
CA ASP C 115 -19.40 6.56 -9.95
C ASP C 115 -20.69 5.88 -10.38
N ALA C 116 -20.65 5.19 -11.52
CA ALA C 116 -21.79 4.40 -11.95
C ALA C 116 -21.77 3.09 -11.18
N VAL C 117 -20.61 2.79 -10.58
CA VAL C 117 -20.51 1.59 -9.76
C VAL C 117 -20.14 1.88 -8.31
N GLN C 118 -20.57 0.98 -7.44
CA GLN C 118 -20.34 1.10 -6.02
C GLN C 118 -18.90 0.75 -5.74
N GLY C 119 -18.16 1.72 -5.21
CA GLY C 119 -16.74 1.53 -4.93
C GLY C 119 -15.82 2.11 -5.98
N GLY C 120 -16.37 2.86 -6.93
CA GLY C 120 -15.57 3.50 -7.96
C GLY C 120 -14.60 4.53 -7.41
N ARG C 121 -15.11 5.37 -6.52
CA ARG C 121 -14.29 6.43 -5.91
C ARG C 121 -13.13 5.86 -5.10
N ASP C 122 -13.34 4.70 -4.47
CA ASP C 122 -12.33 4.07 -3.63
C ASP C 122 -11.11 3.58 -4.41
N VAL C 123 -11.30 3.23 -5.68
CA VAL C 123 -10.17 2.87 -6.52
C VAL C 123 -9.35 4.11 -6.82
N LEU C 124 -10.01 5.25 -7.02
CA LEU C 124 -9.27 6.48 -7.24
C LEU C 124 -8.43 6.86 -6.03
N ARG C 125 -8.90 6.51 -4.83
CA ARG C 125 -8.13 6.76 -3.61
C ARG C 125 -6.94 5.81 -3.51
N LEU C 126 -7.06 4.61 -4.11
CA LEU C 126 -5.92 3.67 -4.12
C LEU C 126 -4.79 4.19 -4.98
N TYR C 127 -5.17 4.88 -6.06
CA TYR C 127 -4.22 5.49 -6.96
C TYR C 127 -3.50 6.70 -6.32
N GLY C 128 -4.15 7.34 -5.35
CA GLY C 128 -3.53 8.45 -4.64
C GLY C 128 -4.36 9.71 -4.44
N TYR C 129 -5.56 9.75 -5.01
CA TYR C 129 -6.44 10.89 -4.84
C TYR C 129 -7.11 10.91 -3.44
N THR C 130 -6.31 11.17 -2.40
CA THR C 130 -6.79 11.04 -1.02
C THR C 130 -7.48 12.30 -0.48
N GLU C 131 -7.12 13.47 -0.99
CA GLU C 131 -7.74 14.72 -0.54
C GLU C 131 -9.15 14.86 -1.12
N GLU C 132 -10.12 15.09 -0.23
CA GLU C 132 -11.54 15.16 -0.61
C GLU C 132 -12.10 16.58 -0.46
N ASP C 135 -15.77 19.37 -3.43
CA ASP C 135 -15.68 19.85 -4.81
C ASP C 135 -15.19 18.74 -5.74
N GLY C 136 -14.47 17.78 -5.18
CA GLY C 136 -13.93 16.65 -5.94
C GLY C 136 -12.91 15.82 -5.16
N LEU C 137 -12.04 15.08 -5.88
CA LEU C 137 -10.98 14.27 -5.26
C LEU C 137 -9.62 14.69 -5.84
N SER C 138 -8.64 14.87 -4.96
CA SER C 138 -7.38 15.43 -5.38
C SER C 138 -6.20 14.75 -4.73
N PHE C 139 -5.05 14.86 -5.36
CA PHE C 139 -3.81 14.51 -4.70
C PHE C 139 -3.54 15.58 -3.62
N PRO C 140 -2.82 15.19 -2.54
CA PRO C 140 -2.43 16.20 -1.56
C PRO C 140 -1.50 17.21 -2.23
N GLU C 141 -1.53 18.47 -1.81
CA GLU C 141 -0.69 19.50 -2.42
C GLU C 141 0.80 19.17 -2.20
N GLY C 142 1.06 18.41 -1.14
CA GLY C 142 2.38 17.94 -0.76
C GLY C 142 3.02 16.79 -1.55
N GLN C 143 2.20 15.98 -2.24
CA GLN C 143 2.73 14.91 -3.08
C GLN C 143 2.99 15.43 -4.49
N GLU C 144 4.26 15.40 -4.91
CA GLU C 144 4.66 16.01 -6.17
C GLU C 144 4.51 15.04 -7.35
N GLU C 145 4.82 13.77 -7.12
CA GLU C 145 4.65 12.76 -8.16
C GLU C 145 3.93 11.54 -7.60
N PRO C 146 3.19 10.82 -8.45
CA PRO C 146 2.51 9.59 -8.01
C PRO C 146 3.52 8.52 -7.63
N ASP C 147 3.21 7.75 -6.58
CA ASP C 147 3.98 6.57 -6.21
C ASP C 147 3.82 5.48 -7.27
N GLU C 148 4.86 5.21 -8.05
CA GLU C 148 4.77 4.21 -9.11
C GLU C 148 4.41 2.78 -8.67
N HIS C 149 4.91 2.34 -7.51
CA HIS C 149 4.68 0.98 -7.04
C HIS C 149 3.23 0.78 -6.62
N GLN C 150 2.70 1.77 -5.92
CA GLN C 150 1.31 1.78 -5.43
C GLN C 150 0.38 1.81 -6.63
N VAL C 151 0.67 2.71 -7.57
CA VAL C 151 -0.15 2.84 -8.78
C VAL C 151 -0.11 1.61 -9.69
N ALA C 152 1.10 1.11 -9.98
CA ALA C 152 1.27 -0.06 -10.86
C ALA C 152 0.53 -1.30 -10.32
N THR C 153 0.61 -1.48 -9.02
CA THR C 153 0.04 -2.66 -8.41
C THR C 153 -1.51 -2.56 -8.38
N VAL C 154 -2.05 -1.35 -8.26
CA VAL C 154 -3.50 -1.18 -8.34
C VAL C 154 -3.96 -1.33 -9.79
N THR C 155 -3.22 -0.73 -10.71
CA THR C 155 -3.54 -0.82 -12.12
C THR C 155 -3.61 -2.28 -12.57
N LEU C 156 -2.63 -3.07 -12.12
CA LEU C 156 -2.55 -4.50 -12.42
C LEU C 156 -3.75 -5.25 -11.86
N GLU C 157 -4.11 -4.97 -10.61
CA GLU C 157 -5.28 -5.62 -10.04
C GLU C 157 -6.58 -5.20 -10.77
N VAL C 158 -6.64 -3.96 -11.23
CA VAL C 158 -7.82 -3.50 -11.95
C VAL C 158 -7.91 -4.25 -13.27
N LEU C 159 -6.80 -4.35 -14.00
CA LEU C 159 -6.85 -5.05 -15.28
C LEU C 159 -7.03 -6.57 -15.09
N LEU C 160 -6.50 -7.12 -14.00
CA LEU C 160 -6.71 -8.54 -13.72
C LEU C 160 -8.19 -8.83 -13.48
N LEU C 161 -8.85 -7.99 -12.68
CA LEU C 161 -10.28 -8.16 -12.39
C LEU C 161 -11.11 -8.04 -13.68
N ARG C 162 -10.76 -7.06 -14.52
CA ARG C 162 -11.41 -6.90 -15.83
C ARG C 162 -11.20 -8.15 -16.68
N THR C 163 -10.00 -8.71 -16.64
CA THR C 163 -9.75 -9.94 -17.39
C THR C 163 -10.60 -11.07 -16.87
N GLU C 164 -10.73 -11.13 -15.54
CA GLU C 164 -11.50 -12.20 -14.92
C GLU C 164 -12.95 -12.19 -15.30
N LEU C 165 -13.54 -10.99 -15.39
CA LEU C 165 -14.93 -10.81 -15.80
C LEU C 165 -15.13 -11.24 -17.25
N SER C 166 -14.19 -10.88 -18.11
CA SER C 166 -14.31 -11.25 -19.51
C SER C 166 -14.27 -12.77 -19.74
N LEU C 167 -13.49 -13.48 -18.94
CA LEU C 167 -13.37 -14.93 -19.08
C LEU C 167 -14.59 -15.67 -18.51
N LEU C 168 -15.18 -15.11 -17.44
CA LEU C 168 -16.36 -15.71 -16.83
C LEU C 168 -17.52 -15.66 -17.80
N LEU C 169 -17.67 -14.50 -18.44
CA LEU C 169 -18.68 -14.30 -19.47
C LEU C 169 -18.51 -15.25 -20.65
N GLN C 170 -17.27 -15.60 -20.96
CA GLN C 170 -17.00 -16.44 -22.12
C GLN C 170 -17.06 -17.94 -21.77
N ASN C 171 -17.18 -18.26 -20.48
CA ASN C 171 -16.97 -19.63 -19.96
C ASN C 171 -15.56 -20.23 -20.25
N THR C 172 -14.53 -19.39 -20.22
CA THR C 172 -13.16 -19.82 -20.52
C THR C 172 -12.24 -19.74 -19.31
N HIS C 173 -12.79 -19.27 -18.19
CA HIS C 173 -12.07 -19.17 -16.93
C HIS C 173 -11.79 -20.55 -16.37
N PRO C 174 -10.52 -20.80 -15.97
CA PRO C 174 -10.06 -22.05 -15.38
C PRO C 174 -10.83 -22.42 -14.13
N ARG C 175 -11.17 -21.40 -13.33
CA ARG C 175 -11.93 -21.62 -12.11
C ARG C 175 -13.35 -21.05 -12.25
N GLN C 176 -13.97 -21.34 -13.39
CA GLN C 176 -15.29 -20.79 -13.70
C GLN C 176 -16.36 -21.11 -12.64
N GLN C 177 -16.31 -22.31 -12.08
CA GLN C 177 -17.31 -22.72 -11.10
C GLN C 177 -17.10 -21.99 -9.78
N ALA C 178 -15.83 -21.84 -9.36
CA ALA C 178 -15.54 -21.23 -8.07
C ALA C 178 -15.79 -19.73 -8.04
N LEU C 179 -15.76 -19.09 -9.21
CA LEU C 179 -15.98 -17.65 -9.29
C LEU C 179 -17.47 -17.31 -9.44
N GLU C 180 -18.27 -18.32 -9.77
CA GLU C 180 -19.71 -18.13 -9.92
C GLU C 180 -20.47 -18.60 -8.68
N ASP D 7 -12.48 12.58 -22.28
CA ASP D 7 -11.37 12.97 -21.42
C ASP D 7 -11.74 12.77 -19.94
N LEU D 8 -10.76 12.38 -19.14
CA LEU D 8 -10.98 11.88 -17.78
C LEU D 8 -10.86 12.92 -16.66
N TYR D 9 -10.44 14.12 -16.99
CA TYR D 9 -10.08 15.08 -15.94
C TYR D 9 -10.96 16.33 -15.86
N GLY D 10 -12.09 16.31 -16.56
CA GLY D 10 -13.03 17.41 -16.52
C GLY D 10 -13.62 17.61 -15.13
#